data_9FL6
#
_entry.id   9FL6
#
_cell.length_a   36.739
_cell.length_b   60.850
_cell.length_c   67.530
_cell.angle_alpha   90.000
_cell.angle_beta   90.000
_cell.angle_gamma   90.000
#
_symmetry.space_group_name_H-M   'P 2 21 21'
#
loop_
_entity.id
_entity.type
_entity.pdbx_description
1 polymer 'Isoform p26 of Oxidized purine nucleoside triphosphate hydrolase'
2 non-polymer 5-[(1~{R})-1-(2,3-dimethylphenyl)ethyl]-1~{H}-imidazole
3 non-polymer 'ACETATE ION'
4 water water
#
_entity_poly.entity_id   1
_entity_poly.type   'polypeptide(L)'
_entity_poly.pdbx_seq_one_letter_code
;GAMGASRLYTLVLVLQPQRVLLGMKKRGFGAGRWNGFGGKVQEGETIEDGARRELQEESGLTVDALHKVGQIVFEFVGEP
ELMDVHVFCTDSIQGTPVESDEMRPCWFQLDQIPFKDMWPDDSYWFPLLLQKKKFHGYFKFQGQDTILDYTLREVDTV
;
_entity_poly.pdbx_strand_id   AAA
#
# COMPACT_ATOMS: atom_id res chain seq x y z
N ALA A 5 0.65 1.26 21.74
CA ALA A 5 0.66 2.64 21.13
C ALA A 5 0.75 2.50 19.61
N SER A 6 -0.38 2.29 18.93
CA SER A 6 -0.40 2.13 17.46
C SER A 6 -1.61 2.81 16.82
N ARG A 7 -1.46 3.20 15.56
CA ARG A 7 -2.49 3.90 14.75
C ARG A 7 -2.81 3.03 13.53
N LEU A 8 -4.10 2.83 13.23
CA LEU A 8 -4.57 2.00 12.10
C LEU A 8 -4.47 2.76 10.78
N TYR A 9 -3.89 2.11 9.78
CA TYR A 9 -3.81 2.57 8.38
C TYR A 9 -4.25 1.44 7.45
N THR A 10 -4.67 1.83 6.24
CA THR A 10 -4.88 0.90 5.11
C THR A 10 -3.94 1.23 3.95
N LEU A 11 -3.70 0.23 3.12
CA LEU A 11 -2.90 0.36 1.87
C LEU A 11 -3.50 -0.58 0.83
N VAL A 12 -3.90 -0.05 -0.32
CA VAL A 12 -4.58 -0.83 -1.40
C VAL A 12 -3.70 -0.85 -2.66
N LEU A 13 -3.48 -2.05 -3.19
CA LEU A 13 -2.79 -2.26 -4.50
C LEU A 13 -3.81 -2.75 -5.53
N VAL A 14 -3.89 -2.04 -6.65
CA VAL A 14 -4.71 -2.45 -7.82
C VAL A 14 -3.79 -3.30 -8.71
N LEU A 15 -3.92 -4.62 -8.58
CA LEU A 15 -3.00 -5.61 -9.21
C LEU A 15 -3.80 -6.46 -10.20
N GLN A 16 -3.51 -6.28 -11.48
CA GLN A 16 -4.13 -7.03 -12.61
C GLN A 16 -3.12 -8.07 -13.08
N PRO A 17 -3.50 -9.01 -13.98
CA PRO A 17 -2.59 -10.11 -14.35
C PRO A 17 -1.19 -9.72 -14.85
N GLN A 18 -1.06 -8.60 -15.59
CA GLN A 18 0.24 -8.19 -16.20
C GLN A 18 0.67 -6.77 -15.76
N ARG A 19 -0.03 -6.10 -14.85
CA ARG A 19 0.35 -4.72 -14.48
C ARG A 19 -0.20 -4.35 -13.09
N VAL A 20 0.42 -3.35 -12.48
CA VAL A 20 0.01 -2.79 -11.17
C VAL A 20 -0.08 -1.26 -11.29
N LEU A 21 -1.06 -0.65 -10.63
CA LEU A 21 -1.22 0.82 -10.60
C LEU A 21 -0.51 1.39 -9.37
N LEU A 22 0.32 2.40 -9.55
CA LEU A 22 0.94 3.14 -8.43
C LEU A 22 0.76 4.64 -8.66
N GLY A 23 0.80 5.41 -7.57
CA GLY A 23 0.65 6.88 -7.61
C GLY A 23 1.87 7.59 -7.08
N MET A 24 2.42 8.52 -7.85
CA MET A 24 3.55 9.38 -7.42
C MET A 24 2.96 10.45 -6.49
N LYS A 25 3.36 10.45 -5.23
CA LYS A 25 2.76 11.36 -4.21
C LYS A 25 3.44 12.74 -4.29
N LYS A 26 2.66 13.80 -4.38
CA LYS A 26 3.17 15.17 -4.63
C LYS A 26 3.50 15.88 -3.30
N ARG A 27 2.78 15.59 -2.21
CA ARG A 27 2.89 16.31 -0.91
C ARG A 27 2.77 15.34 0.26
N GLY A 28 3.23 15.74 1.46
CA GLY A 28 3.01 15.00 2.73
C GLY A 28 3.92 13.79 2.86
N PHE A 29 3.53 12.84 3.71
CA PHE A 29 4.38 11.68 4.10
C PHE A 29 4.43 10.66 2.96
N GLY A 30 5.64 10.42 2.45
CA GLY A 30 5.89 9.58 1.27
C GLY A 30 6.04 10.39 -0.02
N ALA A 31 6.07 11.73 0.02
CA ALA A 31 6.17 12.56 -1.20
C ALA A 31 7.44 12.19 -1.99
N GLY A 32 7.33 12.11 -3.32
CA GLY A 32 8.43 11.76 -4.25
C GLY A 32 8.60 10.27 -4.47
N ARG A 33 7.80 9.44 -3.82
CA ARG A 33 7.78 7.96 -4.05
C ARG A 33 6.48 7.52 -4.73
N TRP A 34 6.57 6.40 -5.47
CA TRP A 34 5.41 5.66 -6.00
C TRP A 34 4.79 4.87 -4.84
N ASN A 35 3.52 5.11 -4.58
CA ASN A 35 2.79 4.49 -3.43
C ASN A 35 1.54 3.79 -3.96
N GLY A 36 1.03 2.79 -3.22
CA GLY A 36 -0.36 2.38 -3.30
C GLY A 36 -1.28 3.43 -2.67
N PHE A 37 -2.55 3.12 -2.52
CA PHE A 37 -3.57 4.12 -2.10
C PHE A 37 -3.99 3.81 -0.66
N GLY A 38 -3.77 4.74 0.26
CA GLY A 38 -3.94 4.41 1.68
C GLY A 38 -3.98 5.63 2.59
N GLY A 39 -4.28 5.39 3.85
CA GLY A 39 -4.38 6.45 4.86
C GLY A 39 -5.00 5.96 6.15
N LYS A 40 -5.33 6.90 7.02
CA LYS A 40 -5.80 6.62 8.38
C LYS A 40 -7.25 6.09 8.36
N VAL A 41 -7.54 5.09 9.18
CA VAL A 41 -8.94 4.61 9.41
C VAL A 41 -9.65 5.58 10.37
N GLN A 42 -10.93 5.87 10.12
CA GLN A 42 -11.70 6.87 10.90
C GLN A 42 -12.50 6.22 12.04
N GLU A 43 -12.96 7.04 12.99
CA GLU A 43 -13.83 6.62 14.11
C GLU A 43 -15.14 6.06 13.53
N GLY A 44 -15.56 4.88 13.98
CA GLY A 44 -16.85 4.26 13.57
C GLY A 44 -16.80 3.59 12.20
N GLU A 45 -15.63 3.55 11.57
CA GLU A 45 -15.42 2.98 10.20
C GLU A 45 -14.74 1.62 10.34
N THR A 46 -15.15 0.61 9.58
CA THR A 46 -14.42 -0.69 9.48
C THR A 46 -13.11 -0.47 8.70
N ILE A 47 -12.13 -1.34 8.94
CA ILE A 47 -10.82 -1.25 8.21
C ILE A 47 -11.09 -1.40 6.71
N GLU A 48 -11.94 -2.35 6.27
CA GLU A 48 -12.26 -2.55 4.83
C GLU A 48 -12.97 -1.32 4.24
N ASP A 49 -13.93 -0.73 4.95
CA ASP A 49 -14.63 0.48 4.45
C ASP A 49 -13.61 1.62 4.30
N GLY A 50 -12.67 1.75 5.24
CA GLY A 50 -11.58 2.73 5.15
C GLY A 50 -10.71 2.51 3.91
N ALA A 51 -10.38 1.25 3.61
CA ALA A 51 -9.58 0.90 2.41
C ALA A 51 -10.30 1.36 1.12
N ARG A 52 -11.60 1.07 1.02
N ARG A 52 -11.60 1.05 1.00
CA ARG A 52 -12.42 1.43 -0.17
CA ARG A 52 -12.42 1.45 -0.18
C ARG A 52 -12.50 2.96 -0.32
C ARG A 52 -12.44 2.98 -0.31
N ARG A 53 -12.67 3.69 0.79
CA ARG A 53 -12.75 5.17 0.81
C ARG A 53 -11.43 5.79 0.34
N GLU A 54 -10.31 5.33 0.90
CA GLU A 54 -8.96 5.85 0.55
C GLU A 54 -8.70 5.64 -0.95
N LEU A 55 -9.02 4.47 -1.49
CA LEU A 55 -8.83 4.23 -2.96
C LEU A 55 -9.61 5.25 -3.79
N GLN A 56 -10.87 5.53 -3.46
CA GLN A 56 -11.68 6.54 -4.22
C GLN A 56 -11.09 7.95 -4.08
N GLU A 57 -10.81 8.38 -2.84
CA GLU A 57 -10.29 9.74 -2.57
C GLU A 57 -9.01 9.98 -3.37
N GLU A 58 -8.10 8.99 -3.40
CA GLU A 58 -6.71 9.19 -3.90
C GLU A 58 -6.56 8.84 -5.37
N SER A 59 -7.38 7.93 -5.91
CA SER A 59 -7.21 7.44 -7.31
C SER A 59 -8.44 7.70 -8.19
N GLY A 60 -9.61 7.95 -7.61
CA GLY A 60 -10.86 8.13 -8.37
C GLY A 60 -11.52 6.82 -8.76
N LEU A 61 -10.96 5.67 -8.36
CA LEU A 61 -11.45 4.32 -8.76
C LEU A 61 -12.45 3.81 -7.74
N THR A 62 -13.45 3.08 -8.23
CA THR A 62 -14.45 2.35 -7.42
C THR A 62 -14.09 0.86 -7.41
N VAL A 63 -13.93 0.26 -6.22
CA VAL A 63 -13.53 -1.18 -6.12
C VAL A 63 -14.77 -2.04 -5.87
N ASP A 64 -14.82 -3.20 -6.52
CA ASP A 64 -15.76 -4.32 -6.21
C ASP A 64 -15.16 -5.15 -5.05
N ALA A 65 -14.56 -6.30 -5.33
CA ALA A 65 -14.01 -7.20 -4.29
C ALA A 65 -12.65 -6.67 -3.81
N LEU A 66 -12.48 -6.50 -2.50
CA LEU A 66 -11.15 -6.29 -1.84
C LEU A 66 -10.79 -7.60 -1.15
N HIS A 67 -9.50 -7.95 -1.18
N HIS A 67 -9.53 -8.02 -1.19
CA HIS A 67 -8.89 -9.15 -0.53
CA HIS A 67 -9.10 -9.16 -0.34
C HIS A 67 -7.83 -8.71 0.49
C HIS A 67 -7.86 -8.77 0.47
N LYS A 68 -7.86 -9.25 1.71
CA LYS A 68 -6.79 -9.02 2.71
C LYS A 68 -5.55 -9.76 2.23
N VAL A 69 -4.40 -9.10 2.19
CA VAL A 69 -3.14 -9.79 1.81
C VAL A 69 -2.06 -9.67 2.88
N GLY A 70 -2.07 -8.67 3.75
CA GLY A 70 -1.00 -8.60 4.77
C GLY A 70 -1.28 -7.61 5.88
N GLN A 71 -0.46 -7.70 6.91
CA GLN A 71 -0.40 -6.71 8.01
C GLN A 71 1.07 -6.37 8.23
N ILE A 72 1.43 -5.09 8.17
CA ILE A 72 2.83 -4.64 8.44
C ILE A 72 2.81 -3.55 9.51
N VAL A 73 3.64 -3.72 10.54
CA VAL A 73 3.88 -2.69 11.58
C VAL A 73 5.16 -1.94 11.25
N PHE A 74 5.08 -0.61 11.21
CA PHE A 74 6.25 0.28 11.02
C PHE A 74 6.56 1.03 12.31
N GLU A 75 7.84 0.97 12.70
CA GLU A 75 8.44 1.77 13.79
C GLU A 75 9.42 2.77 13.19
N PHE A 76 9.31 4.05 13.55
CA PHE A 76 10.33 5.09 13.29
C PHE A 76 11.02 5.42 14.61
N VAL A 77 12.32 5.18 14.71
CA VAL A 77 13.02 5.34 16.03
C VAL A 77 12.84 6.80 16.51
N GLY A 78 12.46 6.95 17.79
CA GLY A 78 12.20 8.26 18.41
C GLY A 78 10.77 8.74 18.29
N GLU A 79 9.92 8.07 17.48
CA GLU A 79 8.49 8.44 17.29
C GLU A 79 7.64 7.47 18.10
N PRO A 80 6.77 7.99 19.01
CA PRO A 80 6.02 7.10 19.89
C PRO A 80 5.01 6.16 19.22
N GLU A 81 4.35 6.63 18.16
CA GLU A 81 3.21 5.89 17.56
C GLU A 81 3.72 4.89 16.50
N LEU A 82 3.41 3.61 16.65
CA LEU A 82 3.63 2.61 15.57
C LEU A 82 2.52 2.75 14.53
N MET A 83 2.85 2.47 13.26
CA MET A 83 1.82 2.40 12.19
C MET A 83 1.42 0.95 11.99
N ASP A 84 0.14 0.64 12.16
CA ASP A 84 -0.42 -0.72 11.98
C ASP A 84 -1.14 -0.76 10.63
N VAL A 85 -0.44 -1.22 9.59
CA VAL A 85 -0.91 -1.08 8.19
C VAL A 85 -1.56 -2.40 7.72
N HIS A 86 -2.84 -2.32 7.37
CA HIS A 86 -3.62 -3.42 6.78
C HIS A 86 -3.59 -3.31 5.25
N VAL A 87 -2.98 -4.29 4.58
CA VAL A 87 -2.72 -4.26 3.11
C VAL A 87 -3.78 -5.11 2.39
N PHE A 88 -4.34 -4.55 1.31
CA PHE A 88 -5.41 -5.20 0.49
C PHE A 88 -5.00 -5.18 -0.98
N CYS A 89 -5.56 -6.11 -1.75
CA CYS A 89 -5.43 -6.17 -3.23
CA CYS A 89 -5.41 -6.18 -3.23
CA CYS A 89 -5.43 -6.06 -3.22
C CYS A 89 -6.79 -6.23 -3.89
N THR A 90 -6.91 -5.69 -5.10
CA THR A 90 -8.10 -5.86 -5.97
C THR A 90 -7.65 -5.95 -7.44
N ASP A 91 -8.38 -6.70 -8.25
CA ASP A 91 -8.23 -6.71 -9.74
C ASP A 91 -9.44 -6.00 -10.36
N SER A 92 -10.61 -6.11 -9.73
CA SER A 92 -11.93 -5.66 -10.25
C SER A 92 -12.20 -4.22 -9.80
N ILE A 93 -12.07 -3.28 -10.74
CA ILE A 93 -12.26 -1.81 -10.50
C ILE A 93 -13.16 -1.22 -11.59
N GLN A 94 -13.72 -0.04 -11.30
CA GLN A 94 -14.48 0.82 -12.25
C GLN A 94 -13.92 2.24 -12.23
N GLY A 95 -13.98 2.93 -13.37
CA GLY A 95 -13.47 4.29 -13.57
C GLY A 95 -12.07 4.27 -14.16
N THR A 96 -11.55 5.46 -14.48
CA THR A 96 -10.16 5.61 -14.97
CA THR A 96 -10.19 5.70 -15.02
C THR A 96 -9.37 6.40 -13.95
N PRO A 97 -8.09 6.03 -13.72
CA PRO A 97 -7.30 6.74 -12.71
C PRO A 97 -7.23 8.24 -13.00
N VAL A 98 -7.42 9.05 -11.95
CA VAL A 98 -7.48 10.54 -12.00
C VAL A 98 -6.15 11.12 -11.48
N GLU A 99 -5.42 11.94 -12.25
CA GLU A 99 -4.32 12.80 -11.73
C GLU A 99 -4.91 14.01 -11.01
N SER A 100 -4.38 14.27 -9.81
CA SER A 100 -4.82 15.40 -8.95
C SER A 100 -3.61 16.18 -8.41
N ASP A 101 -3.89 17.22 -7.62
CA ASP A 101 -2.87 17.98 -6.85
C ASP A 101 -2.08 17.06 -5.91
N GLU A 102 -2.61 15.91 -5.54
CA GLU A 102 -1.98 15.03 -4.53
C GLU A 102 -1.23 13.85 -5.17
N MET A 103 -1.64 13.37 -6.35
N MET A 103 -1.60 13.44 -6.39
CA MET A 103 -1.18 12.05 -6.86
CA MET A 103 -1.30 12.07 -6.89
C MET A 103 -1.17 12.01 -8.39
C MET A 103 -1.17 12.05 -8.42
N ARG A 104 -0.09 11.46 -8.97
CA ARG A 104 0.07 11.20 -10.45
C ARG A 104 0.08 9.69 -10.68
N PRO A 105 -1.07 9.03 -10.99
N PRO A 105 -0.95 9.12 -11.33
CA PRO A 105 -1.07 7.58 -11.26
CA PRO A 105 -1.08 7.68 -11.47
C PRO A 105 -0.51 7.12 -12.61
C PRO A 105 -0.36 7.16 -12.72
N CYS A 106 0.20 5.97 -12.61
CA CYS A 106 0.79 5.28 -13.79
CA CYS A 106 0.83 5.28 -13.76
C CYS A 106 0.69 3.76 -13.58
N TRP A 107 0.43 3.04 -14.67
CA TRP A 107 0.48 1.56 -14.73
C TRP A 107 1.92 1.11 -14.96
N PHE A 108 2.36 0.05 -14.28
CA PHE A 108 3.69 -0.58 -14.42
C PHE A 108 3.54 -2.07 -14.78
N GLN A 109 4.25 -2.52 -15.82
CA GLN A 109 4.43 -3.96 -16.07
C GLN A 109 5.13 -4.59 -14.85
N LEU A 110 4.85 -5.86 -14.58
CA LEU A 110 5.27 -6.50 -13.30
C LEU A 110 6.79 -6.71 -13.25
N ASP A 111 7.49 -6.64 -14.39
CA ASP A 111 8.98 -6.74 -14.46
CA ASP A 111 8.98 -6.75 -14.47
C ASP A 111 9.61 -5.34 -14.56
N GLN A 112 8.83 -4.27 -14.35
CA GLN A 112 9.30 -2.86 -14.42
C GLN A 112 8.82 -2.08 -13.19
N ILE A 113 8.59 -2.76 -12.08
CA ILE A 113 8.20 -2.09 -10.81
C ILE A 113 9.34 -1.20 -10.32
N PRO A 114 9.07 0.11 -10.07
CA PRO A 114 10.13 1.08 -9.81
C PRO A 114 10.67 1.11 -8.36
N PHE A 115 11.27 0.01 -7.92
CA PHE A 115 11.68 -0.18 -6.50
C PHE A 115 12.63 0.95 -6.01
N LYS A 116 13.49 1.49 -6.87
CA LYS A 116 14.46 2.57 -6.50
C LYS A 116 13.71 3.83 -6.03
N ASP A 117 12.49 4.03 -6.52
CA ASP A 117 11.65 5.22 -6.22
C ASP A 117 10.41 4.81 -5.39
N MET A 118 10.54 3.75 -4.59
CA MET A 118 9.48 3.26 -3.65
C MET A 118 10.06 3.17 -2.24
N TRP A 119 9.20 3.06 -1.22
CA TRP A 119 9.66 2.75 0.15
C TRP A 119 10.56 1.50 0.11
N PRO A 120 11.71 1.49 0.84
CA PRO A 120 12.67 0.39 0.71
C PRO A 120 12.14 -0.97 1.18
N ASP A 121 11.18 -0.99 2.13
CA ASP A 121 10.58 -2.27 2.60
C ASP A 121 9.85 -2.99 1.46
N ASP A 122 9.37 -2.27 0.44
CA ASP A 122 8.56 -2.88 -0.65
C ASP A 122 9.38 -3.96 -1.38
N SER A 123 10.70 -3.82 -1.45
CA SER A 123 11.58 -4.82 -2.14
C SER A 123 11.45 -6.19 -1.45
N TYR A 124 11.10 -6.22 -0.16
CA TYR A 124 10.95 -7.46 0.65
C TYR A 124 9.57 -8.09 0.46
N TRP A 125 8.47 -7.32 0.56
CA TRP A 125 7.10 -7.91 0.62
C TRP A 125 6.36 -7.85 -0.72
N PHE A 126 6.72 -6.95 -1.62
CA PHE A 126 5.99 -6.82 -2.91
C PHE A 126 6.08 -8.15 -3.67
N PRO A 127 7.25 -8.84 -3.72
CA PRO A 127 7.34 -10.16 -4.38
C PRO A 127 6.41 -11.26 -3.82
N LEU A 128 6.06 -11.19 -2.54
CA LEU A 128 5.04 -12.08 -1.93
C LEU A 128 3.65 -11.69 -2.48
N LEU A 129 3.32 -10.40 -2.49
CA LEU A 129 2.04 -9.89 -3.05
C LEU A 129 1.88 -10.39 -4.50
N LEU A 130 2.94 -10.34 -5.33
CA LEU A 130 2.86 -10.73 -6.77
C LEU A 130 2.57 -12.23 -6.95
N GLN A 131 2.97 -13.08 -6.01
CA GLN A 131 2.75 -14.55 -6.09
C GLN A 131 1.54 -14.96 -5.24
N LYS A 132 0.68 -13.99 -4.85
CA LYS A 132 -0.63 -14.26 -4.16
CA LYS A 132 -0.62 -14.24 -4.16
C LYS A 132 -0.38 -14.91 -2.79
N LYS A 133 0.70 -14.54 -2.12
CA LYS A 133 0.98 -15.00 -0.74
C LYS A 133 0.47 -13.96 0.25
N LYS A 134 0.18 -14.40 1.47
CA LYS A 134 -0.26 -13.52 2.58
C LYS A 134 0.86 -13.42 3.61
N PHE A 135 0.98 -12.31 4.33
CA PHE A 135 2.16 -12.09 5.21
C PHE A 135 1.87 -11.21 6.41
N HIS A 136 2.70 -11.39 7.44
CA HIS A 136 2.86 -10.48 8.60
C HIS A 136 4.29 -9.93 8.60
N GLY A 137 4.45 -8.61 8.72
CA GLY A 137 5.78 -7.96 8.72
C GLY A 137 5.93 -6.94 9.83
N TYR A 138 7.18 -6.62 10.18
N TYR A 138 7.19 -6.64 10.14
CA TYR A 138 7.60 -5.53 11.11
CA TYR A 138 7.63 -5.57 11.07
C TYR A 138 8.87 -4.91 10.55
C TYR A 138 8.88 -4.92 10.47
N PHE A 139 8.88 -3.60 10.34
CA PHE A 139 10.08 -2.87 9.86
C PHE A 139 10.40 -1.72 10.83
N LYS A 140 11.65 -1.69 11.30
CA LYS A 140 12.20 -0.59 12.13
C LYS A 140 13.06 0.31 11.26
N PHE A 141 12.66 1.57 11.14
CA PHE A 141 13.32 2.60 10.31
C PHE A 141 14.07 3.63 11.17
N GLN A 142 15.18 4.14 10.64
CA GLN A 142 15.79 5.41 11.09
C GLN A 142 15.60 6.41 9.95
N GLY A 143 14.81 7.45 10.18
CA GLY A 143 14.38 8.34 9.09
C GLY A 143 13.56 7.58 8.06
N GLN A 144 13.55 8.04 6.82
CA GLN A 144 12.66 7.44 5.78
C GLN A 144 13.43 6.54 4.80
N ASP A 145 14.75 6.35 4.95
CA ASP A 145 15.57 5.64 3.93
C ASP A 145 16.25 4.39 4.49
N THR A 146 16.43 4.26 5.80
CA THR A 146 17.29 3.19 6.39
C THR A 146 16.44 2.19 7.19
N ILE A 147 16.49 0.92 6.80
CA ILE A 147 15.90 -0.19 7.58
C ILE A 147 16.96 -0.73 8.56
N LEU A 148 16.75 -0.51 9.87
CA LEU A 148 17.69 -0.98 10.93
C LEU A 148 17.52 -2.50 11.13
N ASP A 149 16.28 -2.98 11.15
CA ASP A 149 15.91 -4.38 11.47
C ASP A 149 14.53 -4.66 10.89
N TYR A 150 14.22 -5.92 10.60
CA TYR A 150 12.87 -6.32 10.13
C TYR A 150 12.63 -7.80 10.38
N THR A 151 11.35 -8.18 10.38
CA THR A 151 10.89 -9.59 10.28
C THR A 151 9.76 -9.65 9.24
N LEU A 152 9.65 -10.77 8.56
CA LEU A 152 8.61 -10.97 7.54
C LEU A 152 8.33 -12.48 7.46
N ARG A 153 7.07 -12.88 7.62
CA ARG A 153 6.71 -14.31 7.53
C ARG A 153 5.40 -14.48 6.77
N GLU A 154 5.30 -15.56 6.00
CA GLU A 154 4.06 -15.94 5.29
C GLU A 154 3.08 -16.58 6.27
N VAL A 155 1.78 -16.32 6.07
CA VAL A 155 0.67 -16.83 6.93
C VAL A 155 -0.46 -17.34 6.04
N ASP A 156 -1.32 -18.18 6.61
CA ASP A 156 -2.54 -18.64 5.91
C ASP A 156 -3.70 -17.68 6.17
N THR A 157 -3.71 -17.02 7.33
CA THR A 157 -4.77 -16.08 7.76
C THR A 157 -4.12 -14.74 8.12
N VAL A 158 -4.56 -13.64 7.53
CA VAL A 158 -4.01 -12.30 7.88
C VAL A 158 -4.57 -11.89 9.24
#